data_6M31
#
_entry.id   6M31
#
_cell.length_a   70.000
_cell.length_b   133.490
_cell.length_c   79.500
_cell.angle_alpha   90.000
_cell.angle_beta   90.000
_cell.angle_gamma   90.000
#
_symmetry.space_group_name_H-M   'P 21 21 2'
#
loop_
_entity.id
_entity.type
_entity.pdbx_description
1 polymer 'Digeranylgeranylglyceryl phosphate synthase'
2 non-polymer 'LAURYL DIMETHYLAMINE-N-OXIDE'
3 non-polymer 'PHOSPHATE ION'
4 non-polymer 'MAGNESIUM ION'
5 non-polymer '[(Z)-octadec-9-enyl] (2R)-2,3-bis(oxidanyl)propanoate'
6 water water
#
_entity_poly.entity_id   1
_entity_poly.type   'polypeptide(L)'
_entity_poly.pdbx_seq_one_letter_code
;MGVFMEKLKTYLELIRVKNCITASIGGIIGYLISSNFEIDILKSLLVFFVVFFVCAYGNVINDIFDIEIDRINKPSRPLP
SGKIKLNEAKKFSAILLILGLVLSLFINIYALIIAVINALFLYLYAKKYKKYKPIGNFIIGYLTGSVFLFGGVAGKNVMP
VVILFLCSLLSIWGREIVKDFEDMEGDKKEGVISLPIKYGKKSLYFATFLVVLAVILSPLPYILKIFGIWYLILIAICDI
LFIYAMALLLKEPNKETASKVSKFLKIIMNIVLLAFIVGAIKL
;
_entity_poly.pdbx_strand_id   A,B
#
# COMPACT_ATOMS: atom_id res chain seq x y z
N PHE A 4 -25.64 -1.35 -7.17
CA PHE A 4 -24.86 -0.24 -6.63
C PHE A 4 -23.50 -0.68 -6.04
N MET A 5 -23.38 -1.97 -5.66
CA MET A 5 -22.14 -2.57 -5.15
C MET A 5 -21.19 -2.73 -6.33
N GLU A 6 -21.75 -3.07 -7.52
CA GLU A 6 -21.02 -3.24 -8.77
C GLU A 6 -20.83 -1.89 -9.46
N LYS A 7 -21.78 -0.93 -9.26
CA LYS A 7 -21.65 0.42 -9.80
C LYS A 7 -20.55 1.21 -9.06
N LEU A 8 -20.42 1.00 -7.73
CA LEU A 8 -19.39 1.63 -6.91
C LEU A 8 -18.04 1.05 -7.33
N LYS A 9 -17.98 -0.28 -7.57
CA LYS A 9 -16.78 -0.95 -8.03
C LYS A 9 -16.31 -0.33 -9.35
N THR A 10 -17.24 -0.02 -10.27
CA THR A 10 -16.97 0.59 -11.58
C THR A 10 -16.46 2.05 -11.45
N TYR A 11 -17.09 2.87 -10.58
CA TYR A 11 -16.66 4.25 -10.35
C TYR A 11 -15.27 4.31 -9.73
N LEU A 12 -14.97 3.40 -8.79
CA LEU A 12 -13.66 3.26 -8.14
C LEU A 12 -12.60 2.81 -9.14
N GLU A 13 -13.01 2.02 -10.17
CA GLU A 13 -12.15 1.54 -11.24
C GLU A 13 -11.87 2.71 -12.23
N LEU A 14 -12.89 3.56 -12.51
CA LEU A 14 -12.77 4.74 -13.39
C LEU A 14 -11.79 5.80 -12.81
N ILE A 15 -11.88 6.11 -11.49
CA ILE A 15 -10.98 7.07 -10.81
C ILE A 15 -9.60 6.46 -10.48
N ARG A 16 -9.45 5.09 -10.57
CA ARG A 16 -8.24 4.33 -10.18
C ARG A 16 -7.91 4.71 -8.73
N VAL A 17 -8.79 4.31 -7.80
CA VAL A 17 -8.76 4.67 -6.36
C VAL A 17 -7.39 4.35 -5.69
N LYS A 18 -6.69 3.26 -6.08
CA LYS A 18 -5.37 2.98 -5.47
C LYS A 18 -4.34 4.01 -5.92
N ASN A 19 -4.42 4.44 -7.20
CA ASN A 19 -3.53 5.47 -7.72
C ASN A 19 -3.75 6.81 -6.96
N CYS A 20 -5.03 7.17 -6.69
CA CYS A 20 -5.42 8.39 -5.95
C CYS A 20 -4.94 8.36 -4.52
N ILE A 21 -5.06 7.20 -3.84
CA ILE A 21 -4.63 7.01 -2.45
C ILE A 21 -3.11 7.20 -2.36
N THR A 22 -2.38 6.60 -3.31
CA THR A 22 -0.91 6.73 -3.42
C THR A 22 -0.50 8.20 -3.57
N ALA A 23 -1.18 8.96 -4.47
CA ALA A 23 -0.87 10.37 -4.68
C ALA A 23 -1.17 11.16 -3.39
N SER A 24 -2.29 10.83 -2.71
CA SER A 24 -2.72 11.46 -1.46
C SER A 24 -1.73 11.27 -0.33
N ILE A 25 -1.14 10.06 -0.22
CA ILE A 25 -0.07 9.73 0.77
C ILE A 25 1.14 10.62 0.42
N GLY A 26 1.44 10.75 -0.87
CA GLY A 26 2.47 11.69 -1.34
C GLY A 26 2.24 13.11 -0.80
N GLY A 27 0.99 13.59 -0.87
CA GLY A 27 0.61 14.91 -0.32
C GLY A 27 0.77 15.00 1.19
N ILE A 28 0.40 13.94 1.92
CA ILE A 28 0.60 13.86 3.38
C ILE A 28 2.10 13.85 3.72
N ILE A 29 2.92 13.14 2.93
CA ILE A 29 4.39 13.13 3.07
C ILE A 29 4.94 14.56 2.98
N GLY A 30 4.48 15.36 1.99
CA GLY A 30 4.88 16.74 1.83
C GLY A 30 4.47 17.59 3.03
N TYR A 31 3.27 17.32 3.57
CA TYR A 31 2.74 18.03 4.73
C TYR A 31 3.53 17.68 6.00
N LEU A 32 3.86 16.39 6.19
CA LEU A 32 4.66 15.89 7.31
C LEU A 32 6.04 16.57 7.36
N ILE A 33 6.75 16.63 6.20
CA ILE A 33 8.07 17.30 6.07
C ILE A 33 7.98 18.79 6.43
N SER A 34 6.97 19.48 5.86
CA SER A 34 6.75 20.91 6.03
C SER A 34 6.39 21.32 7.47
N SER A 35 5.63 20.47 8.17
CA SER A 35 5.21 20.73 9.54
C SER A 35 6.12 20.01 10.59
N ASN A 36 7.16 19.28 10.12
CA ASN A 36 8.13 18.51 10.93
C ASN A 36 7.43 17.50 11.85
N PHE A 37 6.38 16.86 11.32
CA PHE A 37 5.49 15.86 11.96
C PHE A 37 4.55 16.49 13.01
N GLU A 38 4.51 17.83 13.12
CA GLU A 38 3.57 18.54 14.03
C GLU A 38 2.29 18.76 13.20
N ILE A 39 1.57 17.64 12.99
CA ILE A 39 0.39 17.46 12.14
C ILE A 39 -0.96 17.88 12.79
N ASP A 40 -1.72 18.72 12.05
CA ASP A 40 -3.09 19.18 12.35
C ASP A 40 -4.00 18.25 11.53
N ILE A 41 -5.04 17.70 12.16
CA ILE A 41 -5.96 16.73 11.53
C ILE A 41 -6.88 17.39 10.46
N LEU A 42 -7.37 18.62 10.66
CA LEU A 42 -8.20 19.29 9.64
C LEU A 42 -7.38 19.58 8.39
N LYS A 43 -6.12 20.05 8.58
CA LYS A 43 -5.19 20.36 7.52
C LYS A 43 -4.80 19.10 6.75
N SER A 44 -4.61 17.97 7.48
CA SER A 44 -4.32 16.63 6.96
C SER A 44 -5.42 16.11 6.05
N LEU A 45 -6.67 16.29 6.48
CA LEU A 45 -7.84 15.86 5.74
C LEU A 45 -8.01 16.69 4.48
N LEU A 46 -7.78 17.99 4.56
CA LEU A 46 -7.84 18.88 3.39
C LEU A 46 -6.80 18.51 2.33
N VAL A 47 -5.54 18.26 2.75
CA VAL A 47 -4.42 17.87 1.88
C VAL A 47 -4.71 16.55 1.18
N PHE A 48 -5.04 15.51 1.97
CA PHE A 48 -5.38 14.19 1.49
C PHE A 48 -6.53 14.26 0.47
N PHE A 49 -7.64 14.94 0.82
CA PHE A 49 -8.78 14.97 -0.10
C PHE A 49 -8.61 15.90 -1.31
N VAL A 50 -7.93 17.01 -1.27
CA VAL A 50 -7.64 17.84 -2.46
C VAL A 50 -6.77 17.01 -3.42
N VAL A 51 -5.83 16.36 -2.98
CA VAL A 51 -4.98 15.52 -3.85
C VAL A 51 -5.79 14.38 -4.43
N PHE A 52 -6.60 13.72 -3.61
CA PHE A 52 -7.47 12.62 -4.03
C PHE A 52 -8.42 13.07 -5.13
N PHE A 53 -9.14 14.17 -4.92
CA PHE A 53 -10.12 14.63 -5.93
C PHE A 53 -9.49 15.12 -7.25
N VAL A 54 -8.37 15.87 -7.18
CA VAL A 54 -7.72 16.36 -8.41
C VAL A 54 -7.13 15.17 -9.21
N CYS A 55 -6.54 14.17 -8.50
CA CYS A 55 -6.00 12.94 -9.07
C CYS A 55 -7.12 12.13 -9.72
N ALA A 56 -8.26 11.96 -9.00
CA ALA A 56 -9.44 11.26 -9.50
C ALA A 56 -9.96 11.94 -10.79
N TYR A 57 -10.00 13.29 -10.80
CA TYR A 57 -10.38 14.07 -11.98
C TYR A 57 -9.43 13.75 -13.18
N GLY A 58 -8.12 13.71 -12.90
CA GLY A 58 -7.11 13.42 -13.91
C GLY A 58 -7.30 12.06 -14.56
N ASN A 59 -7.67 11.05 -13.74
CA ASN A 59 -7.92 9.68 -14.19
C ASN A 59 -9.19 9.59 -15.00
N VAL A 60 -10.27 10.24 -14.58
CA VAL A 60 -11.54 10.29 -15.33
C VAL A 60 -11.36 11.03 -16.68
N ILE A 61 -10.71 12.20 -16.67
CA ILE A 61 -10.50 12.94 -17.93
C ILE A 61 -9.61 12.13 -18.92
N ASN A 62 -8.66 11.31 -18.39
CA ASN A 62 -7.82 10.45 -19.20
C ASN A 62 -8.68 9.38 -19.91
N ASP A 63 -9.59 8.72 -19.17
CA ASP A 63 -10.47 7.70 -19.72
C ASP A 63 -11.43 8.26 -20.76
N ILE A 64 -11.96 9.46 -20.53
CA ILE A 64 -12.87 10.17 -21.45
C ILE A 64 -12.18 10.35 -22.81
N PHE A 65 -10.95 10.91 -22.82
CA PHE A 65 -10.19 11.14 -24.05
C PHE A 65 -9.69 9.84 -24.71
N ASP A 66 -9.55 8.78 -23.92
CA ASP A 66 -9.06 7.48 -24.38
C ASP A 66 -10.16 6.46 -24.70
N ILE A 67 -11.46 6.85 -24.71
CA ILE A 67 -12.60 5.93 -24.94
C ILE A 67 -12.45 5.13 -26.25
N GLU A 68 -12.04 5.79 -27.35
CA GLU A 68 -11.86 5.16 -28.67
C GLU A 68 -10.66 4.22 -28.71
N ILE A 69 -9.51 4.66 -28.16
CA ILE A 69 -8.27 3.88 -28.05
C ILE A 69 -8.51 2.65 -27.18
N ASP A 70 -9.16 2.82 -26.01
CA ASP A 70 -9.49 1.76 -25.06
C ASP A 70 -10.46 0.71 -25.61
N ARG A 71 -11.25 1.07 -26.62
CA ARG A 71 -12.18 0.12 -27.27
C ARG A 71 -11.42 -1.03 -27.92
N ILE A 72 -10.20 -0.75 -28.35
CA ILE A 72 -9.33 -1.78 -28.96
C ILE A 72 -8.37 -2.31 -27.90
N ASN A 73 -7.64 -1.42 -27.23
CA ASN A 73 -6.60 -1.79 -26.24
C ASN A 73 -7.19 -2.37 -24.95
N LYS A 74 -7.97 -1.62 -24.18
CA LYS A 74 -8.49 -2.19 -22.91
C LYS A 74 -10.01 -2.19 -22.90
N PRO A 75 -10.68 -3.07 -23.67
CA PRO A 75 -12.13 -3.09 -23.78
C PRO A 75 -12.93 -3.30 -22.48
N SER A 76 -12.28 -3.81 -21.45
CA SER A 76 -12.89 -4.12 -20.15
C SER A 76 -12.95 -2.89 -19.20
N ARG A 77 -12.32 -1.75 -19.57
CA ARG A 77 -12.33 -0.51 -18.76
C ARG A 77 -13.78 0.04 -18.67
N PRO A 78 -14.13 0.89 -17.66
CA PRO A 78 -15.53 1.33 -17.50
C PRO A 78 -16.19 2.00 -18.70
N LEU A 79 -15.44 2.83 -19.46
CA LEU A 79 -16.05 3.51 -20.59
C LEU A 79 -16.17 2.62 -21.86
N PRO A 80 -15.11 1.92 -22.34
CA PRO A 80 -15.31 1.07 -23.54
C PRO A 80 -16.29 -0.09 -23.34
N SER A 81 -16.39 -0.65 -22.11
CA SER A 81 -17.30 -1.75 -21.77
C SER A 81 -18.75 -1.30 -21.71
N GLY A 82 -18.99 -0.01 -21.55
CA GLY A 82 -20.34 0.55 -21.47
C GLY A 82 -20.95 0.52 -20.08
N LYS A 83 -20.17 0.13 -19.06
CA LYS A 83 -20.64 0.11 -17.66
C LYS A 83 -20.90 1.54 -17.14
N ILE A 84 -20.24 2.56 -17.74
CA ILE A 84 -20.46 3.98 -17.45
C ILE A 84 -20.57 4.69 -18.81
N LYS A 85 -21.59 5.54 -19.00
CA LYS A 85 -21.78 6.29 -20.24
C LYS A 85 -20.79 7.47 -20.27
N LEU A 86 -20.40 7.88 -21.48
CA LEU A 86 -19.46 8.98 -21.68
C LEU A 86 -19.91 10.24 -20.95
N ASN A 87 -21.21 10.59 -21.07
CA ASN A 87 -21.83 11.77 -20.48
C ASN A 87 -21.91 11.69 -18.97
N GLU A 88 -22.00 10.47 -18.40
CA GLU A 88 -22.00 10.26 -16.93
C GLU A 88 -20.58 10.58 -16.43
N ALA A 89 -19.55 10.10 -17.16
CA ALA A 89 -18.14 10.30 -16.84
C ALA A 89 -17.74 11.77 -16.88
N LYS A 90 -18.26 12.53 -17.88
CA LYS A 90 -17.98 13.95 -18.05
C LYS A 90 -18.59 14.78 -16.91
N LYS A 91 -19.81 14.42 -16.48
CA LYS A 91 -20.52 15.08 -15.38
C LYS A 91 -19.78 14.80 -14.06
N PHE A 92 -19.38 13.53 -13.88
CA PHE A 92 -18.62 13.06 -12.73
C PHE A 92 -17.25 13.75 -12.64
N SER A 93 -16.55 13.93 -13.78
CA SER A 93 -15.24 14.60 -13.79
C SER A 93 -15.38 16.06 -13.30
N ALA A 94 -16.49 16.74 -13.70
CA ALA A 94 -16.77 18.11 -13.28
C ALA A 94 -16.95 18.23 -11.75
N ILE A 95 -17.70 17.29 -11.13
CA ILE A 95 -17.95 17.21 -9.68
C ILE A 95 -16.62 17.08 -8.92
N LEU A 96 -15.77 16.11 -9.32
CA LEU A 96 -14.47 15.82 -8.69
C LEU A 96 -13.56 17.05 -8.73
N LEU A 97 -13.54 17.75 -9.89
CA LEU A 97 -12.76 18.96 -10.07
C LEU A 97 -13.23 20.07 -9.12
N ILE A 98 -14.56 20.34 -9.09
CA ILE A 98 -15.16 21.38 -8.24
C ILE A 98 -14.84 21.11 -6.78
N LEU A 99 -14.99 19.85 -6.33
CA LEU A 99 -14.64 19.46 -4.96
C LEU A 99 -13.16 19.68 -4.66
N GLY A 100 -12.28 19.26 -5.57
CA GLY A 100 -10.84 19.51 -5.42
C GLY A 100 -10.50 20.99 -5.34
N LEU A 101 -11.05 21.81 -6.24
CA LEU A 101 -10.75 23.26 -6.25
C LEU A 101 -11.30 24.01 -5.04
N VAL A 102 -12.55 23.69 -4.65
CA VAL A 102 -13.21 24.32 -3.52
C VAL A 102 -12.51 23.94 -2.22
N LEU A 103 -12.14 22.66 -2.04
CA LEU A 103 -11.42 22.25 -0.84
C LEU A 103 -10.06 22.99 -0.68
N SER A 104 -9.31 23.22 -1.79
CA SER A 104 -8.02 23.92 -1.75
C SER A 104 -8.15 25.40 -1.30
N LEU A 105 -9.33 26.03 -1.45
CA LEU A 105 -9.61 27.39 -0.95
C LEU A 105 -9.48 27.45 0.57
N PHE A 106 -9.70 26.32 1.27
CA PHE A 106 -9.66 26.23 2.72
C PHE A 106 -8.25 25.94 3.25
N ILE A 107 -7.27 25.79 2.34
CA ILE A 107 -5.87 25.59 2.72
C ILE A 107 -5.24 26.97 2.64
N ASN A 108 -5.01 27.47 1.39
CA ASN A 108 -4.44 28.81 1.12
C ASN A 108 -4.37 29.05 -0.42
N ILE A 109 -3.94 30.24 -0.82
CA ILE A 109 -3.82 30.64 -2.22
C ILE A 109 -2.82 29.76 -3.00
N TYR A 110 -1.71 29.32 -2.37
CA TYR A 110 -0.70 28.48 -3.01
C TYR A 110 -1.29 27.15 -3.41
N ALA A 111 -2.11 26.54 -2.50
CA ALA A 111 -2.79 25.28 -2.77
C ALA A 111 -3.77 25.40 -3.93
N LEU A 112 -4.56 26.50 -4.00
CA LEU A 112 -5.48 26.75 -5.11
C LEU A 112 -4.72 26.83 -6.45
N ILE A 113 -3.61 27.58 -6.49
CA ILE A 113 -2.78 27.72 -7.70
C ILE A 113 -2.27 26.37 -8.18
N ILE A 114 -1.74 25.52 -7.25
CA ILE A 114 -1.26 24.18 -7.59
C ILE A 114 -2.41 23.34 -8.13
N ALA A 115 -3.56 23.36 -7.43
CA ALA A 115 -4.74 22.62 -7.87
C ALA A 115 -5.18 23.03 -9.27
N VAL A 116 -5.26 24.34 -9.55
CA VAL A 116 -5.64 24.84 -10.88
C VAL A 116 -4.62 24.42 -11.98
N ILE A 117 -3.31 24.57 -11.69
CA ILE A 117 -2.24 24.21 -12.64
C ILE A 117 -2.27 22.72 -12.96
N ASN A 118 -2.43 21.89 -11.90
CA ASN A 118 -2.54 20.45 -12.05
C ASN A 118 -3.73 20.08 -12.92
N ALA A 119 -4.92 20.68 -12.64
CA ALA A 119 -6.14 20.43 -13.41
C ALA A 119 -5.92 20.78 -14.89
N LEU A 120 -5.31 21.94 -15.17
CA LEU A 120 -5.00 22.34 -16.56
C LEU A 120 -4.07 21.34 -17.23
N PHE A 121 -2.96 20.95 -16.53
CA PHE A 121 -2.01 19.98 -17.06
C PHE A 121 -2.66 18.63 -17.31
N LEU A 122 -3.48 18.12 -16.35
CA LEU A 122 -4.16 16.83 -16.48
C LEU A 122 -5.10 16.76 -17.69
N TYR A 123 -5.88 17.82 -17.92
CA TYR A 123 -6.79 17.89 -19.05
C TYR A 123 -5.99 17.88 -20.36
N LEU A 124 -4.99 18.78 -20.50
CA LEU A 124 -4.14 18.91 -21.69
C LEU A 124 -3.27 17.69 -21.96
N TYR A 125 -2.84 17.00 -20.90
CA TYR A 125 -2.07 15.78 -21.04
C TYR A 125 -2.98 14.71 -21.69
N ALA A 126 -4.21 14.56 -21.18
CA ALA A 126 -5.21 13.61 -21.68
C ALA A 126 -5.64 13.97 -23.11
N LYS A 127 -5.84 15.28 -23.37
CA LYS A 127 -6.26 15.79 -24.66
C LYS A 127 -5.21 15.63 -25.76
N LYS A 128 -3.94 16.03 -25.50
CA LYS A 128 -2.94 15.97 -26.58
C LYS A 128 -1.48 15.68 -26.21
N TYR A 129 -1.03 16.09 -25.03
CA TYR A 129 0.39 15.99 -24.69
C TYR A 129 0.86 14.63 -24.24
N LYS A 130 -0.04 13.67 -23.96
CA LYS A 130 0.32 12.28 -23.64
C LYS A 130 1.10 11.66 -24.82
N LYS A 131 0.67 11.97 -26.07
CA LYS A 131 1.27 11.48 -27.32
C LYS A 131 2.46 12.34 -27.80
N TYR A 132 2.57 13.58 -27.28
CA TYR A 132 3.65 14.51 -27.62
C TYR A 132 4.62 14.59 -26.44
N LYS A 133 5.51 13.57 -26.36
CA LYS A 133 6.48 13.36 -25.28
C LYS A 133 7.40 14.56 -24.95
N PRO A 134 7.90 15.43 -25.88
CA PRO A 134 8.73 16.58 -25.43
C PRO A 134 8.06 17.41 -24.30
N ILE A 135 6.72 17.63 -24.39
CA ILE A 135 5.95 18.37 -23.37
C ILE A 135 5.42 17.40 -22.29
N GLY A 136 5.00 16.22 -22.74
CA GLY A 136 4.47 15.16 -21.89
C GLY A 136 5.44 14.72 -20.80
N ASN A 137 6.75 14.53 -21.13
CA ASN A 137 7.80 14.14 -20.18
C ASN A 137 7.83 15.12 -19.00
N PHE A 138 7.79 16.42 -19.32
CA PHE A 138 7.80 17.51 -18.35
C PHE A 138 6.54 17.42 -17.45
N ILE A 139 5.34 17.20 -18.06
CA ILE A 139 4.06 17.10 -17.33
C ILE A 139 4.13 15.95 -16.31
N ILE A 140 4.67 14.77 -16.70
CA ILE A 140 4.80 13.64 -15.76
C ILE A 140 5.66 14.04 -14.56
N GLY A 141 6.79 14.70 -14.83
CA GLY A 141 7.73 15.19 -13.83
C GLY A 141 7.10 16.23 -12.92
N TYR A 142 6.48 17.26 -13.50
CA TYR A 142 5.80 18.31 -12.74
C TYR A 142 4.68 17.75 -11.86
N LEU A 143 3.80 16.89 -12.42
CA LEU A 143 2.66 16.34 -11.67
C LEU A 143 3.04 15.42 -10.52
N THR A 144 4.10 14.64 -10.68
CA THR A 144 4.58 13.75 -9.62
C THR A 144 5.13 14.58 -8.44
N GLY A 145 5.97 15.57 -8.75
CA GLY A 145 6.57 16.46 -7.77
C GLY A 145 5.59 17.36 -7.05
N SER A 146 4.55 17.89 -7.77
CA SER A 146 3.53 18.83 -7.25
C SER A 146 2.70 18.28 -6.09
N VAL A 147 2.49 16.97 -6.07
CA VAL A 147 1.78 16.24 -5.02
C VAL A 147 2.43 16.54 -3.63
N PHE A 148 3.79 16.53 -3.57
CA PHE A 148 4.55 16.86 -2.35
C PHE A 148 4.38 18.32 -2.02
N LEU A 149 4.60 19.20 -3.03
CA LEU A 149 4.48 20.66 -2.93
C LEU A 149 3.09 21.05 -2.39
N PHE A 150 2.06 20.31 -2.79
CA PHE A 150 0.70 20.54 -2.33
C PHE A 150 0.61 20.38 -0.80
N GLY A 151 1.18 19.31 -0.23
CA GLY A 151 1.23 19.13 1.21
C GLY A 151 2.15 20.14 1.86
N GLY A 152 3.28 20.40 1.21
CA GLY A 152 4.28 21.36 1.68
C GLY A 152 3.72 22.74 1.95
N VAL A 153 2.93 23.30 1.03
CA VAL A 153 2.37 24.65 1.20
C VAL A 153 1.35 24.75 2.38
N ALA A 154 0.82 23.60 2.86
CA ALA A 154 -0.10 23.57 4.00
C ALA A 154 0.65 23.68 5.33
N GLY A 155 1.93 23.28 5.33
CA GLY A 155 2.78 23.31 6.52
C GLY A 155 3.46 24.64 6.74
N LYS A 156 4.21 24.74 7.85
CA LYS A 156 4.95 25.93 8.28
C LYS A 156 6.30 26.15 7.62
N ASN A 157 6.96 25.08 7.15
CA ASN A 157 8.30 25.18 6.55
C ASN A 157 8.37 24.45 5.19
N VAL A 158 7.89 25.14 4.14
CA VAL A 158 7.77 24.61 2.78
C VAL A 158 9.14 24.46 2.04
N MET A 159 10.16 25.27 2.39
CA MET A 159 11.46 25.28 1.70
C MET A 159 12.04 23.88 1.36
N PRO A 160 12.18 22.92 2.32
CA PRO A 160 12.71 21.60 1.94
C PRO A 160 11.81 20.88 0.94
N VAL A 161 10.48 21.09 1.03
CA VAL A 161 9.52 20.47 0.10
C VAL A 161 9.65 21.11 -1.30
N VAL A 162 9.98 22.42 -1.38
CA VAL A 162 10.26 23.09 -2.68
C VAL A 162 11.43 22.35 -3.37
N ILE A 163 12.50 22.04 -2.61
CA ILE A 163 13.66 21.31 -3.11
C ILE A 163 13.25 19.89 -3.54
N LEU A 164 12.41 19.18 -2.72
CA LEU A 164 11.93 17.85 -3.06
C LEU A 164 11.15 17.88 -4.37
N PHE A 165 10.24 18.88 -4.52
CA PHE A 165 9.42 19.11 -5.71
C PHE A 165 10.34 19.30 -6.94
N LEU A 166 11.30 20.23 -6.85
CA LEU A 166 12.24 20.54 -7.93
C LEU A 166 13.09 19.37 -8.34
N CYS A 167 13.63 18.61 -7.36
CA CYS A 167 14.45 17.43 -7.64
C CYS A 167 13.62 16.33 -8.29
N SER A 168 12.35 16.13 -7.84
CA SER A 168 11.41 15.13 -8.38
C SER A 168 11.08 15.46 -9.81
N LEU A 169 10.64 16.71 -10.08
CA LEU A 169 10.33 17.21 -11.41
C LEU A 169 11.49 16.92 -12.40
N LEU A 170 12.71 17.38 -12.08
CA LEU A 170 13.89 17.26 -12.96
C LEU A 170 14.35 15.85 -13.20
N SER A 171 14.43 15.03 -12.14
CA SER A 171 14.89 13.67 -12.28
C SER A 171 13.87 12.79 -12.99
N ILE A 172 12.53 13.03 -12.74
CA ILE A 172 11.49 12.22 -13.37
C ILE A 172 11.39 12.58 -14.83
N TRP A 173 11.50 13.88 -15.15
CA TRP A 173 11.51 14.37 -16.53
C TRP A 173 12.69 13.71 -17.29
N GLY A 174 13.87 13.69 -16.66
CA GLY A 174 15.07 13.05 -17.20
C GLY A 174 14.89 11.56 -17.45
N ARG A 175 14.31 10.83 -16.43
CA ARG A 175 14.01 9.40 -16.51
C ARG A 175 12.97 9.09 -17.61
N GLU A 176 11.95 9.95 -17.80
CA GLU A 176 10.96 9.80 -18.87
C GLU A 176 11.62 9.79 -20.26
N ILE A 177 12.68 10.62 -20.47
CA ILE A 177 13.46 10.67 -21.71
C ILE A 177 14.24 9.36 -21.89
N VAL A 178 14.84 8.84 -20.81
CA VAL A 178 15.58 7.57 -20.83
C VAL A 178 14.60 6.45 -21.28
N LYS A 179 13.36 6.45 -20.75
CA LYS A 179 12.33 5.47 -21.08
C LYS A 179 11.93 5.61 -22.55
N ASP A 180 11.78 6.86 -23.06
CA ASP A 180 11.49 7.12 -24.47
C ASP A 180 12.62 6.63 -25.39
N PHE A 181 13.88 6.67 -24.91
CA PHE A 181 15.02 6.17 -25.69
C PHE A 181 14.92 4.64 -25.82
N GLU A 182 14.62 3.96 -24.71
CA GLU A 182 14.40 2.52 -24.66
C GLU A 182 13.23 2.07 -25.59
N ASP A 183 12.12 2.84 -25.62
CA ASP A 183 10.91 2.57 -26.39
C ASP A 183 10.90 3.17 -27.80
N MET A 184 12.05 3.62 -28.32
CA MET A 184 12.18 4.25 -29.64
C MET A 184 11.44 3.53 -30.78
N GLU A 185 11.73 2.21 -30.99
CA GLU A 185 11.14 1.39 -32.06
C GLU A 185 9.63 1.31 -32.00
N GLY A 186 9.09 0.95 -30.84
CA GLY A 186 7.65 0.83 -30.63
C GLY A 186 6.88 2.13 -30.74
N ASP A 187 7.53 3.26 -30.36
CA ASP A 187 6.93 4.60 -30.40
C ASP A 187 6.89 5.14 -31.81
N LYS A 188 7.94 4.90 -32.60
CA LYS A 188 8.07 5.32 -34.00
C LYS A 188 6.91 4.72 -34.85
N LYS A 189 6.66 3.39 -34.68
CA LYS A 189 5.62 2.64 -35.38
C LYS A 189 4.24 2.75 -34.67
N GLU A 190 4.00 3.89 -34.01
CA GLU A 190 2.77 4.21 -33.27
C GLU A 190 2.37 5.69 -33.42
N GLY A 191 3.14 6.43 -34.22
CA GLY A 191 2.93 7.85 -34.47
C GLY A 191 3.20 8.74 -33.28
N VAL A 192 4.11 8.28 -32.38
CA VAL A 192 4.50 8.99 -31.16
C VAL A 192 5.75 9.83 -31.48
N ILE A 193 5.75 11.10 -31.03
CA ILE A 193 6.87 12.05 -31.15
C ILE A 193 7.57 12.12 -29.78
N SER A 194 8.91 11.99 -29.75
CA SER A 194 9.70 12.08 -28.54
C SER A 194 11.07 12.68 -28.86
N LEU A 195 11.81 13.15 -27.83
CA LEU A 195 13.16 13.68 -27.99
C LEU A 195 14.13 12.65 -28.61
N PRO A 196 14.20 11.36 -28.17
CA PRO A 196 15.08 10.40 -28.87
C PRO A 196 14.71 10.18 -30.35
N ILE A 197 13.42 10.13 -30.71
CA ILE A 197 12.97 9.95 -32.10
C ILE A 197 13.40 11.17 -32.97
N LYS A 198 13.24 12.39 -32.43
CA LYS A 198 13.58 13.65 -33.08
C LYS A 198 15.08 13.96 -33.10
N TYR A 199 15.85 13.54 -32.07
CA TYR A 199 17.25 13.94 -31.95
C TYR A 199 18.28 12.85 -31.69
N GLY A 200 17.85 11.60 -31.62
CA GLY A 200 18.77 10.49 -31.42
C GLY A 200 19.39 10.53 -30.04
N LYS A 201 20.69 10.15 -29.94
CA LYS A 201 21.49 10.07 -28.72
C LYS A 201 21.70 11.42 -28.04
N LYS A 202 21.55 12.54 -28.78
CA LYS A 202 21.70 13.91 -28.27
C LYS A 202 20.69 14.22 -27.14
N SER A 203 19.48 13.63 -27.22
CA SER A 203 18.40 13.73 -26.22
C SER A 203 18.90 13.28 -24.83
N LEU A 204 19.82 12.28 -24.82
CA LEU A 204 20.42 11.74 -23.60
C LEU A 204 21.28 12.74 -22.85
N TYR A 205 21.81 13.76 -23.57
CA TYR A 205 22.58 14.86 -22.98
C TYR A 205 21.63 15.78 -22.24
N PHE A 206 20.41 15.97 -22.79
CA PHE A 206 19.38 16.79 -22.16
C PHE A 206 18.86 16.05 -20.92
N ALA A 207 18.68 14.69 -21.00
CA ALA A 207 18.27 13.91 -19.83
C ALA A 207 19.34 14.00 -18.73
N THR A 208 20.66 13.98 -19.11
CA THR A 208 21.82 14.07 -18.21
C THR A 208 21.84 15.43 -17.53
N PHE A 209 21.57 16.50 -18.29
CA PHE A 209 21.50 17.88 -17.80
C PHE A 209 20.46 18.02 -16.66
N LEU A 210 19.23 17.49 -16.89
CA LEU A 210 18.12 17.49 -15.91
C LEU A 210 18.51 16.74 -14.65
N VAL A 211 19.15 15.56 -14.79
CA VAL A 211 19.62 14.79 -13.62
C VAL A 211 20.72 15.59 -12.84
N VAL A 212 21.58 16.31 -13.59
CA VAL A 212 22.67 17.12 -13.03
C VAL A 212 22.12 18.33 -12.25
N LEU A 213 21.12 19.08 -12.80
CA LEU A 213 20.49 20.17 -12.05
C LEU A 213 19.88 19.63 -10.75
N ALA A 214 19.17 18.49 -10.83
CA ALA A 214 18.58 17.86 -9.65
C ALA A 214 19.68 17.55 -8.57
N VAL A 215 20.85 17.05 -9.02
CA VAL A 215 21.98 16.72 -8.12
C VAL A 215 22.55 18.01 -7.46
N ILE A 216 22.65 19.11 -8.22
CA ILE A 216 23.12 20.42 -7.70
C ILE A 216 22.19 20.98 -6.60
N LEU A 217 20.86 20.86 -6.79
CA LEU A 217 19.85 21.31 -5.82
C LEU A 217 19.79 20.41 -4.58
N SER A 218 19.96 19.11 -4.74
CA SER A 218 19.86 18.13 -3.65
C SER A 218 20.62 18.48 -2.32
N PRO A 219 21.85 19.06 -2.24
CA PRO A 219 22.42 19.34 -0.91
C PRO A 219 21.88 20.59 -0.21
N LEU A 220 21.05 21.42 -0.91
CA LEU A 220 20.50 22.66 -0.36
C LEU A 220 19.80 22.50 1.01
N PRO A 221 18.94 21.49 1.32
CA PRO A 221 18.35 21.43 2.69
C PRO A 221 19.41 21.31 3.79
N TYR A 222 20.58 20.75 3.47
CA TYR A 222 21.69 20.66 4.42
C TYR A 222 22.40 22.03 4.50
N ILE A 223 22.72 22.63 3.34
CA ILE A 223 23.39 23.93 3.25
C ILE A 223 22.58 25.02 3.96
N LEU A 224 21.24 25.01 3.79
CA LEU A 224 20.33 25.95 4.44
C LEU A 224 20.09 25.66 5.94
N LYS A 225 20.72 24.59 6.49
CA LYS A 225 20.62 24.15 7.89
C LYS A 225 19.23 23.67 8.27
N ILE A 226 18.48 23.13 7.31
CA ILE A 226 17.14 22.60 7.58
C ILE A 226 17.29 21.15 8.04
N PHE A 227 18.06 20.33 7.28
CA PHE A 227 18.28 18.92 7.59
C PHE A 227 19.73 18.70 7.99
N GLY A 228 19.99 17.59 8.66
CA GLY A 228 21.32 17.26 9.16
C GLY A 228 22.13 16.22 8.41
N ILE A 229 23.02 15.55 9.17
CA ILE A 229 24.03 14.59 8.71
C ILE A 229 23.43 13.38 7.93
N TRP A 230 22.32 12.78 8.41
CA TRP A 230 21.73 11.60 7.75
C TRP A 230 21.21 11.92 6.38
N TYR A 231 20.54 13.07 6.21
CA TYR A 231 20.10 13.56 4.92
C TYR A 231 21.33 13.67 3.98
N LEU A 232 22.38 14.39 4.45
CA LEU A 232 23.63 14.59 3.72
C LEU A 232 24.28 13.31 3.27
N ILE A 233 24.43 12.30 4.18
CA ILE A 233 25.08 11.06 3.82
C ILE A 233 24.30 10.33 2.72
N LEU A 234 22.98 10.20 2.88
CA LEU A 234 22.11 9.52 1.92
C LEU A 234 22.10 10.19 0.57
N ILE A 235 21.99 11.52 0.55
CA ILE A 235 21.99 12.33 -0.66
C ILE A 235 23.35 12.26 -1.35
N ALA A 236 24.46 12.21 -0.59
CA ALA A 236 25.78 12.09 -1.24
C ALA A 236 25.89 10.76 -2.00
N ILE A 237 25.43 9.64 -1.41
CA ILE A 237 25.46 8.32 -2.04
C ILE A 237 24.58 8.33 -3.31
N CYS A 238 23.33 8.80 -3.19
CA CYS A 238 22.36 8.91 -4.27
C CYS A 238 22.82 9.83 -5.41
N ASP A 239 23.44 10.99 -5.09
CA ASP A 239 23.99 11.91 -6.09
C ASP A 239 25.07 11.28 -6.95
N ILE A 240 25.99 10.50 -6.33
CA ILE A 240 27.07 9.82 -7.03
C ILE A 240 26.48 8.74 -7.95
N LEU A 241 25.49 7.97 -7.44
CA LEU A 241 24.82 6.92 -8.19
C LEU A 241 24.04 7.47 -9.39
N PHE A 242 23.39 8.64 -9.24
CA PHE A 242 22.68 9.32 -10.34
C PHE A 242 23.67 9.69 -11.47
N ILE A 243 24.81 10.32 -11.13
CA ILE A 243 25.83 10.72 -12.11
C ILE A 243 26.42 9.51 -12.79
N TYR A 244 26.74 8.45 -12.00
CA TYR A 244 27.29 7.21 -12.51
C TYR A 244 26.34 6.55 -13.50
N ALA A 245 25.02 6.47 -13.15
CA ALA A 245 24.00 5.86 -14.00
C ALA A 245 23.90 6.55 -15.35
N MET A 246 23.94 7.88 -15.38
CA MET A 246 23.85 8.64 -16.63
C MET A 246 25.13 8.54 -17.44
N ALA A 247 26.31 8.50 -16.77
CA ALA A 247 27.60 8.33 -17.46
C ALA A 247 27.61 6.96 -18.19
N LEU A 248 27.05 5.90 -17.55
CA LEU A 248 26.92 4.57 -18.14
C LEU A 248 26.05 4.60 -19.40
N LEU A 249 24.91 5.32 -19.32
CA LEU A 249 24.00 5.45 -20.45
C LEU A 249 24.67 6.22 -21.59
N LEU A 250 25.43 7.29 -21.27
CA LEU A 250 26.13 8.06 -22.30
C LEU A 250 27.26 7.24 -22.97
N LYS A 251 27.93 6.33 -22.22
CA LYS A 251 29.00 5.46 -22.76
C LYS A 251 28.44 4.32 -23.63
N GLU A 252 27.26 3.77 -23.24
CA GLU A 252 26.55 2.71 -23.96
C GLU A 252 25.13 3.19 -24.31
N PRO A 253 24.94 4.13 -25.29
CA PRO A 253 23.58 4.60 -25.57
C PRO A 253 22.74 3.61 -26.39
N ASN A 254 22.25 2.55 -25.72
CA ASN A 254 21.42 1.54 -26.36
C ASN A 254 20.17 1.20 -25.53
N LYS A 255 19.23 0.45 -26.13
CA LYS A 255 17.95 0.04 -25.55
C LYS A 255 18.12 -0.73 -24.23
N GLU A 256 19.05 -1.69 -24.19
CA GLU A 256 19.30 -2.53 -23.02
C GLU A 256 19.81 -1.71 -21.82
N THR A 257 20.73 -0.76 -22.06
CA THR A 257 21.31 0.12 -21.04
C THR A 257 20.26 1.12 -20.54
N ALA A 258 19.48 1.73 -21.44
CA ALA A 258 18.40 2.65 -21.09
C ALA A 258 17.41 1.96 -20.15
N SER A 259 17.08 0.68 -20.42
CA SER A 259 16.20 -0.16 -19.62
C SER A 259 16.73 -0.37 -18.20
N LYS A 260 18.02 -0.73 -18.07
CA LYS A 260 18.69 -0.93 -16.79
C LYS A 260 18.79 0.40 -16.01
N VAL A 261 19.21 1.48 -16.67
CA VAL A 261 19.34 2.82 -16.06
C VAL A 261 17.95 3.32 -15.56
N SER A 262 16.90 3.10 -16.36
CA SER A 262 15.52 3.48 -15.97
C SER A 262 15.10 2.82 -14.65
N LYS A 263 15.37 1.50 -14.51
CA LYS A 263 15.04 0.72 -13.30
C LYS A 263 15.88 1.21 -12.11
N PHE A 264 17.19 1.43 -12.33
CA PHE A 264 18.11 1.90 -11.31
C PHE A 264 17.75 3.29 -10.77
N LEU A 265 17.40 4.26 -11.67
CA LEU A 265 17.00 5.61 -11.29
C LEU A 265 15.76 5.59 -10.42
N LYS A 266 14.81 4.66 -10.72
CA LYS A 266 13.57 4.51 -9.92
C LYS A 266 13.89 4.16 -8.45
N ILE A 267 14.83 3.21 -8.22
CA ILE A 267 15.28 2.81 -6.87
C ILE A 267 15.92 4.00 -6.13
N ILE A 268 16.83 4.73 -6.79
CA ILE A 268 17.53 5.88 -6.20
C ILE A 268 16.55 6.97 -5.76
N MET A 269 15.57 7.27 -6.63
CA MET A 269 14.52 8.26 -6.36
C MET A 269 13.79 7.90 -5.05
N ASN A 270 13.50 6.60 -4.85
CA ASN A 270 12.84 6.17 -3.62
C ASN A 270 13.73 6.30 -2.38
N ILE A 271 15.09 6.16 -2.53
CA ILE A 271 16.01 6.35 -1.41
C ILE A 271 16.07 7.85 -1.07
N VAL A 272 16.07 8.74 -2.10
CA VAL A 272 16.03 10.20 -1.93
C VAL A 272 14.75 10.61 -1.16
N LEU A 273 13.59 10.03 -1.52
CA LEU A 273 12.33 10.29 -0.81
C LEU A 273 12.51 9.93 0.66
N LEU A 274 13.09 8.74 0.96
CA LEU A 274 13.39 8.31 2.33
C LEU A 274 14.29 9.30 3.07
N ALA A 275 15.35 9.84 2.39
CA ALA A 275 16.28 10.85 2.94
C ALA A 275 15.54 12.12 3.41
N PHE A 276 14.58 12.61 2.60
CA PHE A 276 13.74 13.76 2.96
C PHE A 276 12.88 13.45 4.17
N ILE A 277 12.33 12.23 4.24
CA ILE A 277 11.52 11.80 5.39
C ILE A 277 12.37 11.74 6.66
N VAL A 278 13.55 11.10 6.55
CA VAL A 278 14.53 10.93 7.64
C VAL A 278 15.03 12.30 8.14
N GLY A 279 15.34 13.21 7.21
CA GLY A 279 15.73 14.59 7.53
C GLY A 279 14.62 15.30 8.28
N ALA A 280 13.35 15.08 7.86
CA ALA A 280 12.16 15.65 8.51
C ALA A 280 11.97 15.11 9.94
N ILE A 281 12.37 13.83 10.21
CA ILE A 281 12.35 13.22 11.54
C ILE A 281 13.50 13.93 12.29
N LYS A 282 13.12 15.04 12.90
CA LYS A 282 13.93 16.02 13.60
C LYS A 282 12.97 16.48 14.74
N LEU A 283 12.55 15.48 15.55
CA LEU A 283 11.66 15.60 16.69
C LEU A 283 11.86 14.40 17.64
N PHE B 4 22.88 -10.00 -8.80
CA PHE B 4 22.57 -9.94 -7.38
C PHE B 4 21.31 -9.13 -7.06
N MET B 5 20.87 -8.26 -8.00
CA MET B 5 19.64 -7.48 -7.87
C MET B 5 18.49 -8.45 -8.17
N GLU B 6 18.75 -9.46 -9.04
CA GLU B 6 17.82 -10.51 -9.44
C GLU B 6 17.76 -11.60 -8.36
N LYS B 7 18.88 -11.85 -7.64
CA LYS B 7 18.92 -12.81 -6.53
C LYS B 7 18.16 -12.22 -5.33
N LEU B 8 18.34 -10.90 -5.08
CA LEU B 8 17.63 -10.14 -4.04
C LEU B 8 16.13 -10.16 -4.34
N LYS B 9 15.77 -9.98 -5.63
CA LYS B 9 14.39 -10.00 -6.11
C LYS B 9 13.76 -11.36 -5.77
N THR B 10 14.54 -12.46 -5.90
CA THR B 10 14.06 -13.81 -5.62
C THR B 10 13.80 -14.02 -4.11
N TYR B 11 14.70 -13.53 -3.24
CA TYR B 11 14.55 -13.61 -1.79
C TYR B 11 13.35 -12.80 -1.30
N LEU B 12 13.12 -11.60 -1.89
CA LEU B 12 11.99 -10.73 -1.58
C LEU B 12 10.68 -11.37 -2.03
N GLU B 13 10.70 -12.18 -3.12
CA GLU B 13 9.54 -12.91 -3.62
C GLU B 13 9.25 -14.10 -2.63
N LEU B 14 10.30 -14.81 -2.18
CA LEU B 14 10.21 -15.93 -1.24
C LEU B 14 9.57 -15.52 0.12
N ILE B 15 9.99 -14.36 0.70
CA ILE B 15 9.43 -13.84 1.96
C ILE B 15 8.07 -13.12 1.76
N ARG B 16 7.70 -12.82 0.48
CA ARG B 16 6.49 -12.04 0.11
C ARG B 16 6.54 -10.72 0.87
N VAL B 17 7.54 -9.87 0.52
CA VAL B 17 7.87 -8.59 1.17
C VAL B 17 6.64 -7.65 1.32
N LYS B 18 5.71 -7.61 0.36
CA LYS B 18 4.52 -6.74 0.51
C LYS B 18 3.59 -7.28 1.61
N ASN B 19 3.46 -8.62 1.71
CA ASN B 19 2.67 -9.25 2.76
C ASN B 19 3.26 -8.91 4.15
N CYS B 20 4.63 -8.96 4.29
CA CYS B 20 5.35 -8.65 5.53
C CYS B 20 5.19 -7.22 5.93
N ILE B 21 5.26 -6.28 4.95
CA ILE B 21 5.11 -4.84 5.20
C ILE B 21 3.69 -4.56 5.73
N THR B 22 2.69 -5.19 5.10
CA THR B 22 1.27 -5.09 5.50
C THR B 22 1.09 -5.55 6.94
N ALA B 23 1.68 -6.73 7.31
CA ALA B 23 1.57 -7.25 8.67
C ALA B 23 2.27 -6.29 9.66
N SER B 24 3.43 -5.74 9.27
CA SER B 24 4.21 -4.79 10.06
C SER B 24 3.46 -3.50 10.35
N ILE B 25 2.71 -2.98 9.34
CA ILE B 25 1.83 -1.79 9.48
C ILE B 25 0.74 -2.16 10.50
N GLY B 26 0.21 -3.38 10.41
CA GLY B 26 -0.73 -3.92 11.41
C GLY B 26 -0.17 -3.82 12.83
N GLY B 27 1.11 -4.20 13.01
CA GLY B 27 1.81 -4.10 14.30
C GLY B 27 1.99 -2.67 14.77
N ILE B 28 2.33 -1.75 13.84
CA ILE B 28 2.44 -0.32 14.16
C ILE B 28 1.04 0.25 14.55
N ILE B 29 -0.03 -0.19 13.86
CA ILE B 29 -1.42 0.20 14.19
C ILE B 29 -1.74 -0.18 15.65
N GLY B 30 -1.37 -1.40 16.07
CA GLY B 30 -1.56 -1.86 17.44
C GLY B 30 -0.78 -1.01 18.44
N TYR B 31 0.46 -0.62 18.05
CA TYR B 31 1.32 0.21 18.88
C TYR B 31 0.78 1.63 19.01
N LEU B 32 0.29 2.22 17.91
CA LEU B 32 -0.32 3.54 17.86
C LEU B 32 -1.53 3.63 18.80
N ILE B 33 -2.46 2.64 18.73
CA ILE B 33 -3.65 2.54 19.61
C ILE B 33 -3.24 2.47 21.09
N SER B 34 -2.28 1.58 21.41
CA SER B 34 -1.81 1.33 22.76
C SER B 34 -1.10 2.52 23.41
N SER B 35 -0.34 3.29 22.61
CA SER B 35 0.39 4.46 23.09
C SER B 35 -0.38 5.79 22.84
N ASN B 36 -1.59 5.71 22.26
CA ASN B 36 -2.48 6.84 21.91
C ASN B 36 -1.78 7.87 21.02
N PHE B 37 -0.97 7.37 20.06
CA PHE B 37 -0.15 8.10 19.08
C PHE B 37 1.08 8.78 19.72
N GLU B 38 1.38 8.51 21.02
CA GLU B 38 2.57 9.02 21.69
C GLU B 38 3.67 7.96 21.43
N ILE B 39 4.13 7.93 20.18
CA ILE B 39 5.07 6.99 19.56
C ILE B 39 6.57 7.28 19.83
N ASP B 40 7.30 6.22 20.29
CA ASP B 40 8.74 6.16 20.52
C ASP B 40 9.31 5.49 19.27
N ILE B 41 10.36 6.08 18.67
CA ILE B 41 10.98 5.59 17.44
C ILE B 41 11.71 4.24 17.62
N LEU B 42 12.43 4.00 18.74
CA LEU B 42 13.11 2.71 18.96
C LEU B 42 12.10 1.59 19.12
N LYS B 43 11.01 1.86 19.86
CA LYS B 43 9.93 0.91 20.10
C LYS B 43 9.19 0.59 18.82
N SER B 44 8.96 1.60 17.96
CA SER B 44 8.26 1.40 16.70
C SER B 44 9.10 0.66 15.67
N LEU B 45 10.45 0.82 15.69
CA LEU B 45 11.37 0.04 14.83
C LEU B 45 11.40 -1.41 15.29
N LEU B 46 11.42 -1.65 16.59
CA LEU B 46 11.37 -3.02 17.15
C LEU B 46 10.11 -3.74 16.77
N VAL B 47 8.93 -3.09 16.90
CA VAL B 47 7.60 -3.62 16.56
C VAL B 47 7.52 -3.96 15.08
N PHE B 48 7.84 -2.99 14.22
CA PHE B 48 7.85 -3.15 12.77
C PHE B 48 8.75 -4.32 12.35
N PHE B 49 10.01 -4.36 12.84
CA PHE B 49 10.91 -5.42 12.41
C PHE B 49 10.65 -6.79 13.04
N VAL B 50 10.18 -6.88 14.31
CA VAL B 50 9.87 -8.24 14.85
C VAL B 50 8.76 -8.85 13.98
N VAL B 51 7.68 -8.04 13.69
CA VAL B 51 6.56 -8.50 12.88
C VAL B 51 7.02 -8.90 11.49
N PHE B 52 7.87 -8.06 10.88
CA PHE B 52 8.43 -8.30 9.54
C PHE B 52 9.18 -9.63 9.51
N PHE B 53 10.10 -9.84 10.45
CA PHE B 53 10.91 -11.09 10.44
C PHE B 53 10.11 -12.36 10.74
N VAL B 54 9.17 -12.32 11.71
CA VAL B 54 8.35 -13.51 12.02
C VAL B 54 7.42 -13.86 10.84
N CYS B 55 6.84 -12.81 10.19
CA CYS B 55 5.98 -12.93 9.01
C CYS B 55 6.78 -13.51 7.84
N ALA B 56 8.00 -12.97 7.60
CA ALA B 56 8.92 -13.45 6.57
C ALA B 56 9.26 -14.93 6.80
N TYR B 57 9.54 -15.31 8.06
CA TYR B 57 9.79 -16.72 8.44
C TYR B 57 8.58 -17.61 8.07
N GLY B 58 7.36 -17.13 8.38
CA GLY B 58 6.12 -17.85 8.10
C GLY B 58 5.93 -18.13 6.62
N ASN B 59 6.30 -17.14 5.77
CA ASN B 59 6.22 -17.25 4.32
C ASN B 59 7.24 -18.20 3.77
N VAL B 60 8.49 -18.13 4.24
CA VAL B 60 9.55 -19.07 3.83
C VAL B 60 9.23 -20.51 4.28
N ILE B 61 8.80 -20.72 5.53
CA ILE B 61 8.46 -22.07 5.99
C ILE B 61 7.26 -22.66 5.19
N ASN B 62 6.33 -21.81 4.75
CA ASN B 62 5.20 -22.20 3.93
C ASN B 62 5.70 -22.72 2.55
N ASP B 63 6.62 -21.98 1.91
CA ASP B 63 7.17 -22.38 0.62
C ASP B 63 7.98 -23.66 0.70
N ILE B 64 8.75 -23.85 1.79
CA ILE B 64 9.56 -25.07 2.03
C ILE B 64 8.64 -26.30 2.05
N PHE B 65 7.55 -26.26 2.86
CA PHE B 65 6.61 -27.38 2.94
C PHE B 65 5.78 -27.59 1.67
N ASP B 66 5.62 -26.52 0.88
CA ASP B 66 4.84 -26.54 -0.35
C ASP B 66 5.64 -26.73 -1.64
N ILE B 67 6.94 -27.06 -1.56
CA ILE B 67 7.81 -27.20 -2.74
C ILE B 67 7.24 -28.17 -3.80
N GLU B 68 6.69 -29.34 -3.39
CA GLU B 68 6.12 -30.35 -4.30
C GLU B 68 4.78 -29.92 -4.89
N ILE B 69 3.87 -29.41 -4.03
CA ILE B 69 2.54 -28.92 -4.40
C ILE B 69 2.66 -27.71 -5.36
N ASP B 70 3.63 -26.80 -5.09
CA ASP B 70 3.86 -25.59 -5.89
C ASP B 70 4.34 -25.90 -7.31
N ARG B 71 4.96 -27.08 -7.54
CA ARG B 71 5.35 -27.51 -8.89
C ARG B 71 4.10 -27.54 -9.80
N ILE B 72 2.93 -27.74 -9.17
CA ILE B 72 1.64 -27.78 -9.89
C ILE B 72 0.85 -26.48 -9.68
N ASN B 73 0.59 -26.09 -8.43
CA ASN B 73 -0.29 -24.94 -8.12
C ASN B 73 0.29 -23.57 -8.45
N LYS B 74 1.57 -23.33 -8.19
CA LYS B 74 2.19 -22.01 -8.49
C LYS B 74 3.59 -22.32 -8.98
N PRO B 75 3.88 -22.57 -10.27
CA PRO B 75 5.23 -23.08 -10.60
C PRO B 75 6.30 -22.02 -10.83
N SER B 76 5.90 -20.74 -10.85
CA SER B 76 6.81 -19.59 -11.01
C SER B 76 7.44 -19.17 -9.66
N ARG B 77 7.02 -19.79 -8.52
CA ARG B 77 7.53 -19.47 -7.17
C ARG B 77 9.02 -19.80 -7.06
N PRO B 78 9.80 -19.15 -6.15
CA PRO B 78 11.27 -19.38 -6.12
C PRO B 78 11.74 -20.82 -5.89
N LEU B 79 11.05 -21.61 -5.06
CA LEU B 79 11.53 -22.97 -4.80
C LEU B 79 11.18 -23.96 -5.94
N PRO B 80 9.92 -24.09 -6.45
CA PRO B 80 9.66 -25.05 -7.53
C PRO B 80 10.38 -24.71 -8.85
N SER B 81 10.56 -23.40 -9.14
CA SER B 81 11.27 -22.90 -10.33
C SER B 81 12.79 -23.15 -10.29
N GLY B 82 13.35 -23.39 -9.11
CA GLY B 82 14.77 -23.68 -8.93
C GLY B 82 15.70 -22.52 -8.67
N LYS B 83 15.15 -21.28 -8.63
CA LYS B 83 15.93 -20.07 -8.38
C LYS B 83 16.60 -20.07 -7.00
N ILE B 84 15.96 -20.72 -6.00
CA ILE B 84 16.53 -20.90 -4.66
C ILE B 84 16.50 -22.41 -4.34
N LYS B 85 17.59 -22.95 -3.79
CA LYS B 85 17.65 -24.36 -3.38
C LYS B 85 16.92 -24.51 -2.04
N LEU B 86 16.34 -25.70 -1.82
CA LEU B 86 15.60 -26.03 -0.60
C LEU B 86 16.42 -25.74 0.64
N ASN B 87 17.70 -26.16 0.65
CA ASN B 87 18.63 -26.00 1.76
C ASN B 87 19.02 -24.56 2.03
N GLU B 88 19.01 -23.70 1.00
CA GLU B 88 19.30 -22.28 1.16
C GLU B 88 18.08 -21.65 1.85
N ALA B 89 16.85 -22.05 1.45
CA ALA B 89 15.60 -21.55 2.03
C ALA B 89 15.46 -21.94 3.51
N LYS B 90 15.89 -23.16 3.88
CA LYS B 90 15.82 -23.67 5.26
C LYS B 90 16.78 -22.90 6.17
N LYS B 91 18.00 -22.57 5.64
CA LYS B 91 19.03 -21.81 6.37
C LYS B 91 18.53 -20.38 6.59
N PHE B 92 17.96 -19.80 5.52
CA PHE B 92 17.39 -18.47 5.49
C PHE B 92 16.21 -18.35 6.47
N SER B 93 15.32 -19.36 6.53
CA SER B 93 14.19 -19.36 7.46
C SER B 93 14.67 -19.31 8.91
N ALA B 94 15.77 -20.03 9.23
CA ALA B 94 16.37 -20.06 10.57
C ALA B 94 16.87 -18.66 11.00
N ILE B 95 17.56 -17.93 10.09
CA ILE B 95 18.09 -16.58 10.29
C ILE B 95 16.95 -15.62 10.64
N LEU B 96 15.89 -15.59 9.80
CA LEU B 96 14.71 -14.72 9.97
C LEU B 96 14.04 -14.95 11.33
N LEU B 97 13.91 -16.23 11.72
CA LEU B 97 13.31 -16.60 12.99
C LEU B 97 14.15 -16.07 14.17
N ILE B 98 15.49 -16.32 14.15
CA ILE B 98 16.41 -15.90 15.20
C ILE B 98 16.37 -14.39 15.35
N LEU B 99 16.40 -13.64 14.23
CA LEU B 99 16.28 -12.18 14.26
C LEU B 99 14.96 -11.73 14.87
N GLY B 100 13.85 -12.34 14.45
CA GLY B 100 12.54 -12.03 15.01
C GLY B 100 12.47 -12.29 16.51
N LEU B 101 12.94 -13.47 16.97
CA LEU B 101 12.88 -13.82 18.39
C LEU B 101 13.79 -12.95 19.27
N VAL B 102 15.02 -12.70 18.79
CA VAL B 102 16.01 -11.91 19.52
C VAL B 102 15.55 -10.45 19.61
N LEU B 103 15.02 -9.88 18.52
CA LEU B 103 14.50 -8.50 18.57
C LEU B 103 13.35 -8.34 19.60
N SER B 104 12.43 -9.34 19.71
CA SER B 104 11.31 -9.28 20.66
C SER B 104 11.77 -9.27 22.15
N LEU B 105 12.99 -9.79 22.45
CA LEU B 105 13.58 -9.73 23.79
C LEU B 105 13.79 -8.28 24.25
N PHE B 106 13.95 -7.36 23.29
CA PHE B 106 14.21 -5.94 23.56
C PHE B 106 12.92 -5.14 23.71
N ILE B 107 11.75 -5.79 23.56
CA ILE B 107 10.46 -5.15 23.76
C ILE B 107 10.06 -5.50 25.19
N ASN B 108 9.66 -6.76 25.43
CA ASN B 108 9.27 -7.29 26.75
C ASN B 108 8.92 -8.79 26.64
N ILE B 109 8.61 -9.42 27.78
CA ILE B 109 8.27 -10.83 27.86
C ILE B 109 7.00 -11.19 27.06
N TYR B 110 5.99 -10.28 27.02
CA TYR B 110 4.73 -10.51 26.28
C TYR B 110 5.01 -10.63 24.81
N ALA B 111 5.89 -9.75 24.27
CA ALA B 111 6.28 -9.77 22.86
C ALA B 111 7.00 -11.06 22.49
N LEU B 112 7.93 -11.55 23.35
CA LEU B 112 8.62 -12.82 23.14
C LEU B 112 7.63 -13.99 23.08
N ILE B 113 6.66 -14.04 24.02
CA ILE B 113 5.63 -15.08 24.04
C ILE B 113 4.82 -15.09 22.75
N ILE B 114 4.37 -13.90 22.27
CA ILE B 114 3.61 -13.80 21.02
C ILE B 114 4.47 -14.28 19.87
N ALA B 115 5.74 -13.80 19.80
CA ALA B 115 6.67 -14.21 18.75
C ALA B 115 6.86 -15.71 18.71
N VAL B 116 7.10 -16.35 19.87
CA VAL B 116 7.27 -17.80 19.96
C VAL B 116 5.99 -18.58 19.54
N ILE B 117 4.81 -18.13 20.01
CA ILE B 117 3.53 -18.77 19.69
C ILE B 117 3.25 -18.68 18.20
N ASN B 118 3.48 -17.47 17.62
CA ASN B 118 3.31 -17.25 16.20
C ASN B 118 4.21 -18.17 15.39
N ALA B 119 5.52 -18.25 15.76
CA ALA B 119 6.50 -19.11 15.09
C ALA B 119 6.05 -20.57 15.13
N LEU B 120 5.60 -21.05 16.29
CA LEU B 120 5.07 -22.42 16.41
C LEU B 120 3.87 -22.64 15.52
N PHE B 121 2.88 -21.70 15.54
CA PHE B 121 1.69 -21.81 14.72
C PHE B 121 2.03 -21.78 13.24
N LEU B 122 2.95 -20.87 12.80
CA LEU B 122 3.35 -20.75 11.40
C LEU B 122 4.00 -22.02 10.85
N TYR B 123 4.88 -22.64 11.64
CA TYR B 123 5.53 -23.89 11.25
C TYR B 123 4.48 -25.02 11.12
N LEU B 124 3.65 -25.22 12.16
CA LEU B 124 2.60 -26.25 12.19
C LEU B 124 1.50 -26.05 11.16
N TYR B 125 1.17 -24.78 10.85
CA TYR B 125 0.21 -24.47 9.81
C TYR B 125 0.76 -24.95 8.47
N ALA B 126 2.03 -24.62 8.16
CA ALA B 126 2.73 -25.00 6.94
C ALA B 126 2.90 -26.51 6.86
N LYS B 127 3.27 -27.15 7.98
CA LYS B 127 3.50 -28.57 8.10
C LYS B 127 2.23 -29.41 7.92
N LYS B 128 1.13 -29.08 8.64
CA LYS B 128 -0.05 -29.93 8.56
C LYS B 128 -1.43 -29.27 8.68
N TYR B 129 -1.56 -28.18 9.43
CA TYR B 129 -2.88 -27.62 9.72
C TYR B 129 -3.47 -26.75 8.61
N LYS B 130 -2.70 -26.39 7.58
CA LYS B 130 -3.22 -25.64 6.42
C LYS B 130 -4.31 -26.47 5.72
N LYS B 131 -4.10 -27.82 5.64
CA LYS B 131 -5.00 -28.79 5.02
C LYS B 131 -6.12 -29.27 5.97
N TYR B 132 -5.92 -29.09 7.29
CA TYR B 132 -6.87 -29.50 8.33
C TYR B 132 -7.55 -28.24 8.88
N LYS B 133 -8.56 -27.78 8.11
CA LYS B 133 -9.31 -26.54 8.34
C LYS B 133 -9.95 -26.39 9.75
N PRO B 134 -10.46 -27.42 10.48
CA PRO B 134 -10.97 -27.15 11.85
C PRO B 134 -9.97 -26.40 12.76
N ILE B 135 -8.66 -26.75 12.69
CA ILE B 135 -7.60 -26.11 13.45
C ILE B 135 -7.01 -24.91 12.66
N GLY B 136 -6.88 -25.10 11.36
CA GLY B 136 -6.37 -24.08 10.43
C GLY B 136 -7.14 -22.77 10.46
N ASN B 137 -8.52 -22.85 10.49
CA ASN B 137 -9.39 -21.66 10.54
C ASN B 137 -9.02 -20.79 11.75
N PHE B 138 -8.83 -21.45 12.90
CA PHE B 138 -8.45 -20.80 14.16
C PHE B 138 -7.07 -20.12 14.02
N ILE B 139 -6.08 -20.84 13.42
CA ILE B 139 -4.72 -20.32 13.22
C ILE B 139 -4.75 -19.03 12.36
N ILE B 140 -5.55 -19.00 11.27
CA ILE B 140 -5.67 -17.80 10.44
C ILE B 140 -6.18 -16.61 11.26
N GLY B 141 -7.21 -16.87 12.07
CA GLY B 141 -7.83 -15.90 12.97
C GLY B 141 -6.88 -15.41 14.02
N TYR B 142 -6.22 -16.33 14.74
CA TYR B 142 -5.24 -15.99 15.76
C TYR B 142 -4.07 -15.18 15.19
N LEU B 143 -3.48 -15.63 14.06
CA LEU B 143 -2.30 -14.95 13.47
C LEU B 143 -2.58 -13.56 12.95
N THR B 144 -3.78 -13.33 12.38
CA THR B 144 -4.15 -12.01 11.89
C THR B 144 -4.31 -11.03 13.06
N GLY B 145 -5.02 -11.45 14.11
CA GLY B 145 -5.24 -10.65 15.31
C GLY B 145 -3.99 -10.37 16.12
N SER B 146 -3.06 -11.35 16.24
CA SER B 146 -1.82 -11.27 17.04
C SER B 146 -0.86 -10.16 16.61
N VAL B 147 -0.87 -9.83 15.32
CA VAL B 147 -0.08 -8.75 14.72
C VAL B 147 -0.37 -7.41 15.47
N PHE B 148 -1.67 -7.12 15.76
CA PHE B 148 -2.09 -5.92 16.51
C PHE B 148 -1.61 -6.03 17.94
N LEU B 149 -1.91 -7.20 18.59
CA LEU B 149 -1.53 -7.51 19.96
C LEU B 149 -0.02 -7.32 20.19
N PHE B 150 0.78 -7.67 19.18
CA PHE B 150 2.21 -7.50 19.20
C PHE B 150 2.60 -6.03 19.40
N GLY B 151 1.98 -5.12 18.63
CA GLY B 151 2.22 -3.69 18.80
C GLY B 151 1.63 -3.19 20.10
N GLY B 152 0.44 -3.69 20.44
CA GLY B 152 -0.27 -3.34 21.67
C GLY B 152 0.54 -3.55 22.93
N VAL B 153 1.21 -4.71 23.08
CA VAL B 153 2.00 -5.00 24.29
C VAL B 153 3.25 -4.07 24.43
N ALA B 154 3.68 -3.39 23.34
CA ALA B 154 4.80 -2.45 23.39
C ALA B 154 4.37 -1.09 23.96
N GLY B 155 3.07 -0.76 23.84
CA GLY B 155 2.51 0.48 24.33
C GLY B 155 2.09 0.44 25.79
N LYS B 156 1.62 1.59 26.30
CA LYS B 156 1.19 1.80 27.68
C LYS B 156 -0.22 1.32 28.01
N ASN B 157 -1.13 1.30 27.02
CA ASN B 157 -2.53 0.93 27.24
C ASN B 157 -2.99 -0.17 26.25
N VAL B 158 -2.64 -1.43 26.57
CA VAL B 158 -2.90 -2.60 25.74
C VAL B 158 -4.39 -3.03 25.69
N MET B 159 -5.18 -2.75 26.75
CA MET B 159 -6.59 -3.18 26.86
C MET B 159 -7.43 -3.04 25.58
N PRO B 160 -7.52 -1.84 24.90
CA PRO B 160 -8.33 -1.77 23.67
C PRO B 160 -7.78 -2.68 22.57
N VAL B 161 -6.44 -2.86 22.52
CA VAL B 161 -5.80 -3.75 21.53
C VAL B 161 -6.12 -5.22 21.84
N VAL B 162 -6.25 -5.60 23.14
CA VAL B 162 -6.67 -6.96 23.54
C VAL B 162 -8.07 -7.23 22.91
N ILE B 163 -9.00 -6.25 23.01
CA ILE B 163 -10.34 -6.35 22.43
C ILE B 163 -10.25 -6.46 20.92
N LEU B 164 -9.40 -5.63 20.26
CA LEU B 164 -9.21 -5.68 18.80
C LEU B 164 -8.72 -7.06 18.37
N PHE B 165 -7.73 -7.60 19.11
CA PHE B 165 -7.15 -8.93 18.88
C PHE B 165 -8.24 -10.00 18.97
N LEU B 166 -9.00 -10.01 20.07
CA LEU B 166 -10.09 -10.97 20.33
C LEU B 166 -11.19 -10.91 19.30
N CYS B 167 -11.62 -9.69 18.90
CA CYS B 167 -12.67 -9.52 17.89
C CYS B 167 -12.19 -9.98 16.52
N SER B 168 -10.91 -9.70 16.18
CA SER B 168 -10.27 -10.10 14.90
C SER B 168 -10.20 -11.62 14.83
N LEU B 169 -9.61 -12.26 15.86
CA LEU B 169 -9.52 -13.71 15.97
C LEU B 169 -10.89 -14.39 15.71
N LEU B 170 -11.93 -14.01 16.48
CA LEU B 170 -13.26 -14.64 16.40
C LEU B 170 -13.99 -14.42 15.10
N SER B 171 -13.98 -13.18 14.60
CA SER B 171 -14.68 -12.89 13.35
C SER B 171 -13.97 -13.49 12.14
N ILE B 172 -12.60 -13.53 12.15
CA ILE B 172 -11.85 -14.09 11.02
C ILE B 172 -12.00 -15.59 11.01
N TRP B 173 -11.95 -16.22 12.20
CA TRP B 173 -12.16 -17.66 12.36
C TRP B 173 -13.56 -18.02 11.80
N GLY B 174 -14.58 -17.23 12.17
CA GLY B 174 -15.96 -17.39 11.69
C GLY B 174 -16.06 -17.26 10.17
N ARG B 175 -15.42 -16.19 9.59
CA ARG B 175 -15.38 -15.94 8.15
C ARG B 175 -14.66 -17.07 7.38
N GLU B 176 -13.58 -17.63 7.95
CA GLU B 176 -12.87 -18.76 7.36
C GLU B 176 -13.80 -19.98 7.16
N ILE B 177 -14.72 -20.23 8.13
CA ILE B 177 -15.73 -21.30 8.06
C ILE B 177 -16.74 -21.01 6.94
N VAL B 178 -17.17 -19.75 6.81
CA VAL B 178 -18.08 -19.33 5.74
C VAL B 178 -17.40 -19.60 4.37
N LYS B 179 -16.11 -19.27 4.26
CA LYS B 179 -15.30 -19.49 3.06
C LYS B 179 -15.19 -21.00 2.75
N ASP B 180 -14.99 -21.85 3.78
CA ASP B 180 -14.96 -23.31 3.65
C ASP B 180 -16.31 -23.88 3.20
N PHE B 181 -17.43 -23.25 3.61
CA PHE B 181 -18.77 -23.67 3.20
C PHE B 181 -18.94 -23.40 1.69
N GLU B 182 -18.52 -22.21 1.23
CA GLU B 182 -18.54 -21.83 -0.18
C GLU B 182 -17.69 -22.78 -1.06
N ASP B 183 -16.49 -23.18 -0.57
CA ASP B 183 -15.50 -24.03 -1.25
C ASP B 183 -15.67 -25.52 -0.98
N MET B 184 -16.79 -25.97 -0.38
CA MET B 184 -17.08 -27.38 -0.05
C MET B 184 -16.71 -28.39 -1.14
N GLU B 185 -17.26 -28.21 -2.37
CA GLU B 185 -17.05 -29.09 -3.54
C GLU B 185 -15.58 -29.27 -3.90
N GLY B 186 -14.90 -28.15 -4.15
CA GLY B 186 -13.48 -28.14 -4.51
C GLY B 186 -12.57 -28.71 -3.44
N ASP B 187 -12.95 -28.53 -2.15
CA ASP B 187 -12.20 -29.00 -0.99
C ASP B 187 -12.35 -30.52 -0.83
N LYS B 188 -13.58 -31.03 -1.01
CA LYS B 188 -13.92 -32.45 -0.91
C LYS B 188 -13.09 -33.31 -1.89
N LYS B 189 -13.01 -32.88 -3.17
CA LYS B 189 -12.27 -33.54 -4.26
C LYS B 189 -10.74 -33.35 -4.18
N GLU B 190 -10.25 -32.72 -3.11
CA GLU B 190 -8.85 -32.36 -2.90
C GLU B 190 -8.26 -32.98 -1.62
N GLY B 191 -9.05 -33.79 -0.92
CA GLY B 191 -8.66 -34.43 0.33
C GLY B 191 -8.52 -33.46 1.50
N VAL B 192 -9.29 -32.35 1.45
CA VAL B 192 -9.30 -31.31 2.48
C VAL B 192 -10.44 -31.62 3.47
N ILE B 193 -10.14 -31.53 4.78
CA ILE B 193 -11.11 -31.71 5.87
C ILE B 193 -11.48 -30.32 6.39
N SER B 194 -12.79 -30.06 6.56
CA SER B 194 -13.29 -28.78 7.06
C SER B 194 -14.61 -29.01 7.78
N LEU B 195 -14.99 -28.09 8.69
CA LEU B 195 -16.25 -28.15 9.45
C LEU B 195 -17.47 -28.32 8.51
N PRO B 196 -17.61 -27.56 7.40
CA PRO B 196 -18.76 -27.80 6.50
C PRO B 196 -18.75 -29.16 5.78
N ILE B 197 -17.59 -29.82 5.62
CA ILE B 197 -17.50 -31.15 5.00
C ILE B 197 -17.89 -32.19 6.06
N LYS B 198 -17.32 -32.09 7.28
CA LYS B 198 -17.56 -32.97 8.44
C LYS B 198 -19.04 -32.92 8.87
N TYR B 199 -19.52 -31.72 9.19
CA TYR B 199 -20.89 -31.42 9.63
C TYR B 199 -21.44 -30.67 8.45
N GLY B 200 -22.73 -30.50 8.30
CA GLY B 200 -23.18 -29.82 7.09
C GLY B 200 -23.30 -28.35 7.35
N LYS B 201 -24.55 -27.86 7.24
CA LYS B 201 -25.00 -26.51 7.55
C LYS B 201 -24.85 -26.18 9.04
N LYS B 202 -24.67 -27.21 9.91
CA LYS B 202 -24.50 -27.07 11.37
C LYS B 202 -23.26 -26.24 11.71
N SER B 203 -22.20 -26.37 10.88
CA SER B 203 -20.93 -25.64 11.01
C SER B 203 -21.20 -24.12 10.98
N LEU B 204 -22.24 -23.70 10.22
CA LEU B 204 -22.65 -22.30 10.08
C LEU B 204 -23.16 -21.72 11.39
N TYR B 205 -23.65 -22.56 12.33
CA TYR B 205 -24.10 -22.15 13.67
C TYR B 205 -22.88 -21.83 14.51
N PHE B 206 -21.78 -22.62 14.30
CA PHE B 206 -20.54 -22.40 15.02
C PHE B 206 -19.90 -21.11 14.47
N ALA B 207 -19.97 -20.85 13.14
CA ALA B 207 -19.44 -19.59 12.57
C ALA B 207 -20.22 -18.40 13.14
N THR B 208 -21.57 -18.56 13.32
CA THR B 208 -22.47 -17.55 13.87
C THR B 208 -22.10 -17.26 15.32
N PHE B 209 -21.88 -18.30 16.12
CA PHE B 209 -21.46 -18.21 17.51
C PHE B 209 -20.19 -17.36 17.70
N LEU B 210 -19.16 -17.60 16.88
CA LEU B 210 -17.90 -16.85 16.89
C LEU B 210 -18.14 -15.36 16.57
N VAL B 211 -18.94 -15.07 15.52
CA VAL B 211 -19.31 -13.68 15.16
C VAL B 211 -20.10 -13.00 16.32
N VAL B 212 -21.11 -13.69 16.87
CA VAL B 212 -21.93 -13.19 17.97
C VAL B 212 -21.04 -12.84 19.19
N LEU B 213 -20.09 -13.72 19.51
CA LEU B 213 -19.12 -13.48 20.58
C LEU B 213 -18.22 -12.26 20.28
N ALA B 214 -17.79 -12.09 19.00
CA ALA B 214 -17.01 -10.91 18.61
C ALA B 214 -17.84 -9.61 18.81
N VAL B 215 -19.15 -9.69 18.51
CA VAL B 215 -20.11 -8.59 18.63
C VAL B 215 -20.30 -8.19 20.12
N ILE B 216 -20.37 -9.20 21.01
CA ILE B 216 -20.54 -8.96 22.44
C ILE B 216 -19.35 -8.21 23.05
N LEU B 217 -18.11 -8.56 22.63
CA LEU B 217 -16.88 -7.93 23.09
C LEU B 217 -16.69 -6.54 22.51
N SER B 218 -17.09 -6.32 21.26
CA SER B 218 -16.93 -5.04 20.54
C SER B 218 -17.33 -3.74 21.33
N PRO B 219 -18.42 -3.62 22.14
CA PRO B 219 -18.65 -2.33 22.81
C PRO B 219 -17.79 -2.06 24.06
N LEU B 220 -17.00 -3.08 24.52
CA LEU B 220 -16.16 -2.97 25.71
C LEU B 220 -15.21 -1.75 25.74
N PRO B 221 -14.48 -1.32 24.66
CA PRO B 221 -13.65 -0.11 24.79
C PRO B 221 -14.45 1.14 25.15
N TYR B 222 -15.74 1.18 24.77
CA TYR B 222 -16.63 2.29 25.14
C TYR B 222 -17.08 2.11 26.61
N ILE B 223 -17.54 0.91 26.98
CA ILE B 223 -17.99 0.58 28.34
C ILE B 223 -16.90 0.86 29.37
N LEU B 224 -15.65 0.48 29.05
CA LEU B 224 -14.48 0.71 29.90
C LEU B 224 -13.99 2.17 29.91
N LYS B 225 -14.65 3.07 29.15
CA LYS B 225 -14.31 4.50 29.03
C LYS B 225 -12.97 4.76 28.37
N ILE B 226 -12.54 3.87 27.48
CA ILE B 226 -11.27 4.05 26.76
C ILE B 226 -11.54 4.89 25.51
N PHE B 227 -12.58 4.50 24.72
CA PHE B 227 -12.94 5.20 23.50
C PHE B 227 -14.28 5.87 23.67
N GLY B 228 -14.59 6.84 22.82
CA GLY B 228 -15.81 7.62 22.90
C GLY B 228 -16.92 7.31 21.90
N ILE B 229 -17.74 8.35 21.64
CA ILE B 229 -18.95 8.32 20.83
C ILE B 229 -18.73 7.80 19.38
N TRP B 230 -17.66 8.22 18.69
CA TRP B 230 -17.41 7.83 17.29
C TRP B 230 -17.17 6.34 17.16
N TYR B 231 -16.35 5.78 18.07
CA TYR B 231 -16.12 4.34 18.15
C TYR B 231 -17.49 3.64 18.30
N LEU B 232 -18.28 4.06 19.31
CA LEU B 232 -19.61 3.52 19.62
C LEU B 232 -20.54 3.52 18.42
N ILE B 233 -20.66 4.67 17.70
CA ILE B 233 -21.58 4.76 16.58
C ILE B 233 -21.17 3.78 15.48
N LEU B 234 -19.87 3.75 15.12
CA LEU B 234 -19.36 2.88 14.06
C LEU B 234 -19.52 1.41 14.40
N ILE B 235 -19.19 1.04 15.63
CA ILE B 235 -19.31 -0.33 16.14
C ILE B 235 -20.79 -0.76 16.20
N ALA B 236 -21.71 0.15 16.56
CA ALA B 236 -23.13 -0.21 16.57
C ALA B 236 -23.61 -0.58 15.15
N ILE B 237 -23.22 0.20 14.13
CA ILE B 237 -23.60 -0.06 12.73
C ILE B 237 -23.03 -1.40 12.29
N CYS B 238 -21.71 -1.62 12.48
CA CYS B 238 -20.99 -2.84 12.16
C CYS B 238 -21.53 -4.08 12.86
N ASP B 239 -21.85 -3.98 14.17
CA ASP B 239 -22.43 -5.07 14.95
C ASP B 239 -23.77 -5.57 14.38
N ILE B 240 -24.65 -4.63 13.97
CA ILE B 240 -25.96 -4.95 13.40
C ILE B 240 -25.75 -5.64 12.04
N LEU B 241 -24.82 -5.10 11.22
CA LEU B 241 -24.50 -5.66 9.90
C LEU B 241 -23.90 -7.08 10.00
N PHE B 242 -23.05 -7.34 11.02
CA PHE B 242 -22.49 -8.66 11.27
C PHE B 242 -23.61 -9.69 11.58
N ILE B 243 -24.53 -9.35 12.50
CA ILE B 243 -25.65 -10.23 12.87
C ILE B 243 -26.57 -10.47 11.68
N TYR B 244 -26.89 -9.39 10.92
CA TYR B 244 -27.72 -9.47 9.74
C TYR B 244 -27.11 -10.38 8.69
N ALA B 245 -25.80 -10.22 8.41
CA ALA B 245 -25.09 -11.03 7.42
C ALA B 245 -25.15 -12.52 7.74
N MET B 246 -24.97 -12.89 9.01
CA MET B 246 -25.01 -14.30 9.43
C MET B 246 -26.43 -14.85 9.42
N ALA B 247 -27.45 -14.01 9.79
CA ALA B 247 -28.86 -14.42 9.75
C ALA B 247 -29.24 -14.75 8.28
N LEU B 248 -28.74 -13.95 7.29
CA LEU B 248 -28.98 -14.17 5.86
C LEU B 248 -28.38 -15.51 5.42
N LEU B 249 -27.15 -15.81 5.87
CA LEU B 249 -26.48 -17.06 5.55
C LEU B 249 -27.23 -18.24 6.15
N LEU B 250 -27.71 -18.11 7.41
CA LEU B 250 -28.48 -19.18 8.05
C LEU B 250 -29.83 -19.43 7.36
N LYS B 251 -30.47 -18.37 6.80
CA LYS B 251 -31.76 -18.48 6.10
C LYS B 251 -31.59 -19.10 4.68
N GLU B 252 -30.47 -18.78 3.99
CA GLU B 252 -30.10 -19.29 2.66
C GLU B 252 -28.72 -19.98 2.76
N PRO B 253 -28.60 -21.17 3.38
CA PRO B 253 -27.26 -21.79 3.47
C PRO B 253 -26.77 -22.43 2.18
N ASN B 254 -26.34 -21.60 1.22
CA ASN B 254 -25.83 -22.09 -0.06
C ASN B 254 -24.52 -21.40 -0.46
N LYS B 255 -23.85 -21.93 -1.50
CA LYS B 255 -22.56 -21.46 -2.02
C LYS B 255 -22.57 -19.99 -2.42
N GLU B 256 -23.63 -19.55 -3.12
CA GLU B 256 -23.77 -18.18 -3.60
C GLU B 256 -23.88 -17.17 -2.44
N THR B 257 -24.66 -17.51 -1.41
CA THR B 257 -24.87 -16.68 -0.22
C THR B 257 -23.60 -16.61 0.63
N ALA B 258 -22.92 -17.77 0.84
CA ALA B 258 -21.66 -17.84 1.59
C ALA B 258 -20.62 -16.93 0.93
N SER B 259 -20.58 -16.91 -0.42
CA SER B 259 -19.69 -16.06 -1.22
C SER B 259 -19.94 -14.58 -0.98
N LYS B 260 -21.21 -14.14 -1.04
CA LYS B 260 -21.63 -12.76 -0.79
C LYS B 260 -21.35 -12.34 0.67
N VAL B 261 -21.71 -13.21 1.64
CA VAL B 261 -21.50 -12.95 3.08
C VAL B 261 -19.98 -12.83 3.38
N SER B 262 -19.16 -13.70 2.77
CA SER B 262 -17.69 -13.66 2.94
C SER B 262 -17.12 -12.29 2.52
N LYS B 263 -17.56 -11.77 1.36
CA LYS B 263 -17.12 -10.46 0.82
C LYS B 263 -17.60 -9.33 1.72
N PHE B 264 -18.88 -9.39 2.16
CA PHE B 264 -19.48 -8.40 3.02
C PHE B 264 -18.80 -8.30 4.39
N LEU B 265 -18.48 -9.46 5.03
CA LEU B 265 -17.80 -9.51 6.32
C LEU B 265 -16.43 -8.87 6.23
N LYS B 266 -15.71 -9.07 5.10
CA LYS B 266 -14.39 -8.47 4.87
C LYS B 266 -14.44 -6.94 4.94
N ILE B 267 -15.46 -6.31 4.29
CA ILE B 267 -15.67 -4.85 4.30
C ILE B 267 -15.94 -4.34 5.73
N ILE B 268 -16.85 -5.03 6.47
CA ILE B 268 -17.22 -4.65 7.85
C ILE B 268 -16.00 -4.68 8.77
N MET B 269 -15.19 -5.74 8.67
CA MET B 269 -13.96 -5.91 9.45
C MET B 269 -13.04 -4.69 9.25
N ASN B 270 -12.92 -4.21 8.01
CA ASN B 270 -12.10 -3.02 7.74
C ASN B 270 -12.68 -1.74 8.32
N ILE B 271 -14.04 -1.64 8.44
CA ILE B 271 -14.67 -0.46 9.06
C ILE B 271 -14.43 -0.52 10.58
N VAL B 272 -14.51 -1.74 11.19
CA VAL B 272 -14.18 -1.97 12.62
C VAL B 272 -12.72 -1.55 12.92
N LEU B 273 -11.78 -1.92 12.04
CA LEU B 273 -10.37 -1.52 12.18
C LEU B 273 -10.30 0.01 12.23
N LEU B 274 -10.97 0.70 11.26
CA LEU B 274 -11.06 2.17 11.20
C LEU B 274 -11.62 2.76 12.52
N ALA B 275 -12.67 2.11 13.11
CA ALA B 275 -13.30 2.52 14.38
C ALA B 275 -12.28 2.54 15.53
N PHE B 276 -11.42 1.49 15.59
CA PHE B 276 -10.34 1.40 16.59
C PHE B 276 -9.33 2.50 16.39
N ILE B 277 -8.97 2.77 15.12
CA ILE B 277 -8.02 3.85 14.78
C ILE B 277 -8.57 5.22 15.21
N VAL B 278 -9.83 5.52 14.81
CA VAL B 278 -10.58 6.74 15.12
C VAL B 278 -10.73 6.94 16.64
N GLY B 279 -11.08 5.87 17.38
CA GLY B 279 -11.20 5.89 18.84
C GLY B 279 -9.91 6.36 19.48
N ALA B 280 -8.77 5.80 19.01
CA ALA B 280 -7.42 6.16 19.45
C ALA B 280 -7.03 7.58 19.02
N ILE B 281 -7.40 8.01 17.77
CA ILE B 281 -7.13 9.34 17.20
C ILE B 281 -7.74 10.43 18.10
N LYS B 282 -8.79 10.09 18.88
CA LYS B 282 -9.33 11.00 19.86
C LYS B 282 -8.40 10.89 21.09
N LEU B 283 -7.19 11.53 20.93
CA LEU B 283 -6.04 11.60 21.84
C LEU B 283 -6.44 12.10 23.23
#